data_7L5B
#
_entry.id   7L5B
#
_cell.length_a   134.013
_cell.length_b   70.439
_cell.length_c   140.039
_cell.angle_alpha   90.00
_cell.angle_beta   96.93
_cell.angle_gamma   90.00
#
_symmetry.space_group_name_H-M   'I 1 2 1'
#
loop_
_entity.id
_entity.type
_entity.pdbx_description
1 polymer 'Spike protein S1'
2 polymer '2-15 Heavy chain'
3 polymer '2-15 Light Chain'
#
loop_
_entity_poly.entity_id
_entity_poly.type
_entity_poly.pdbx_seq_one_letter_code
_entity_poly.pdbx_strand_id
1 'polypeptide(L)'
;APRRVQPTESIVRFPNITNLCPFGEVFNATRFASVYAWNRKRISNCVADYSVLYNSASFSTFKCYGVSPTKLNDLCFTNV
YADSFVIRGDEVRQIAPGQTGKIADYNYKLPDDFTGCVIAWNSNNLDSKVGGNYNYLYRLFRKSNLKPFERDISTEIYQA
GSTPCNGVEGFNCYFPLQSYGFQPTNGVGYQPYRVVVLSFELLHAPATVCGPKKSTNLVKNKGSLEVLFQGPGHHHHHH
;
A
2 'polypeptide(L)'
;QVQLVQSGAEVKKPGASVRVSCKASGYTFTGYYMHWVRQAPGQGLEWMGWINPISDGTNYAQKFQGWVTMTRDTSISTVY
MELSRLRSDDTAVYYCARGGSRCSGGNCYGWAYDAFDIWGQGTMITVSSASTKGPSVFPLAPSSKSTSGGTAALGCLVKD
YFPEPVTVSWNSGALTSGVHTFPAVLQSSGLYSLSSVVTVPSSSLGTQTYICNVNHKPSNTKVDKKV
;
H
3 'polypeptide(L)'
;QSALTQPASVSGSPGQSITISCTGTSSDVGGYNFVSWYQQHPGKAPKLMIYDVSKRPSGVSNRFSGSKSGNTASLTISGL
QAEDEADCYCSSYTSSSTFVFGTGTKVTVLGQPKANPTVTLFPPSSEELQANKATLVCLISDFYPGAVTVAWKADGSPVK
AGVETTKPSKQSNNKYAASSYLSLTPEQWKSHRSYSCQVTHEGSTVEKTVAPTECS
;
L
#
# COMPACT_ATOMS: atom_id res chain seq x y z
N CYS A 21 14.55 -40.56 -32.58
CA CYS A 21 15.24 -39.36 -32.13
C CYS A 21 14.68 -38.92 -30.76
N PRO A 22 15.44 -38.08 -30.01
CA PRO A 22 14.96 -37.66 -28.69
C PRO A 22 13.75 -36.72 -28.76
N PHE A 23 12.57 -37.26 -29.02
CA PHE A 23 11.39 -36.40 -29.07
C PHE A 23 10.82 -36.15 -27.68
N GLY A 24 10.75 -37.20 -26.85
CA GLY A 24 10.24 -37.07 -25.50
C GLY A 24 11.11 -36.22 -24.60
N GLU A 25 12.39 -36.05 -24.97
CA GLU A 25 13.22 -35.06 -24.31
C GLU A 25 12.77 -33.65 -24.67
N VAL A 26 12.50 -33.41 -25.95
CA VAL A 26 12.29 -32.05 -26.48
C VAL A 26 10.84 -31.63 -26.32
N PHE A 27 9.93 -32.42 -26.90
CA PHE A 27 8.52 -32.04 -26.99
C PHE A 27 7.82 -31.90 -25.65
N ASN A 28 7.65 -33.01 -24.94
CA ASN A 28 6.87 -33.04 -23.71
C ASN A 28 7.71 -32.57 -22.52
N ALA A 29 8.37 -31.42 -22.65
CA ALA A 29 9.39 -31.00 -21.70
C ALA A 29 8.80 -30.05 -20.68
N THR A 30 8.95 -30.42 -19.40
CA THR A 30 8.16 -29.86 -18.31
C THR A 30 8.34 -28.35 -18.19
N ARG A 31 9.54 -27.86 -18.48
CA ARG A 31 9.84 -26.43 -18.56
C ARG A 31 10.18 -26.07 -20.01
N PHE A 32 9.46 -25.08 -20.55
CA PHE A 32 9.87 -24.32 -21.72
C PHE A 32 10.23 -22.87 -21.44
N ALA A 33 11.30 -22.43 -22.10
CA ALA A 33 11.89 -21.13 -21.83
C ALA A 33 11.04 -20.00 -22.40
N SER A 34 11.08 -18.87 -21.70
CA SER A 34 10.57 -17.63 -22.25
C SER A 34 11.28 -17.35 -23.54
N VAL A 35 10.54 -16.84 -24.53
CA VAL A 35 11.04 -16.66 -25.88
C VAL A 35 12.30 -15.78 -25.96
N TYR A 36 12.67 -15.06 -24.88
CA TYR A 36 13.64 -14.01 -25.08
C TYR A 36 14.99 -14.70 -25.19
N ALA A 37 15.06 -15.92 -24.63
CA ALA A 37 16.19 -16.84 -24.60
C ALA A 37 15.76 -18.19 -25.17
N TRP A 38 15.25 -18.17 -26.41
CA TRP A 38 14.63 -19.35 -26.99
C TRP A 38 15.60 -20.52 -27.09
N ASN A 39 15.07 -21.70 -26.78
CA ASN A 39 15.83 -22.93 -26.76
C ASN A 39 16.16 -23.36 -28.19
N ARG A 40 17.26 -24.09 -28.33
CA ARG A 40 17.55 -24.80 -29.59
C ARG A 40 17.99 -26.20 -29.17
N LYS A 41 17.02 -27.11 -29.09
CA LYS A 41 17.32 -28.53 -28.95
C LYS A 41 17.47 -29.16 -30.34
N ARG A 42 18.56 -28.78 -31.00
CA ARG A 42 18.97 -29.38 -32.25
C ARG A 42 19.17 -30.88 -32.09
N ILE A 43 18.62 -31.64 -33.02
CA ILE A 43 18.85 -33.08 -33.09
C ILE A 43 19.58 -33.37 -34.40
N SER A 44 20.18 -34.56 -34.45
CA SER A 44 20.85 -35.13 -35.63
C SER A 44 21.22 -36.57 -35.29
N ASN A 45 21.81 -37.26 -36.28
CA ASN A 45 22.40 -38.60 -36.13
C ASN A 45 21.36 -39.65 -35.74
N CYS A 46 20.16 -39.54 -36.31
CA CYS A 46 19.05 -40.42 -35.95
C CYS A 46 18.12 -40.67 -37.14
N VAL A 52 2.78 -38.21 -39.24
CA VAL A 52 2.20 -39.00 -38.15
C VAL A 52 1.74 -38.08 -37.02
N LEU A 53 2.55 -37.03 -36.76
CA LEU A 53 2.25 -36.07 -35.72
C LEU A 53 0.94 -35.35 -35.99
N TYR A 54 0.64 -35.14 -37.27
CA TYR A 54 -0.63 -34.54 -37.67
C TYR A 54 -1.79 -35.51 -37.42
N ASN A 55 -1.65 -36.74 -37.89
CA ASN A 55 -2.71 -37.73 -37.80
C ASN A 55 -2.90 -38.18 -36.35
N SER A 56 -4.12 -38.61 -36.02
CA SER A 56 -4.60 -38.73 -34.64
C SER A 56 -4.36 -37.41 -33.89
N ALA A 57 -5.21 -36.44 -34.27
CA ALA A 57 -5.02 -35.02 -34.00
C ALA A 57 -4.77 -34.73 -32.53
N SER A 58 -3.74 -33.92 -32.28
CA SER A 58 -3.36 -33.59 -30.92
C SER A 58 -3.01 -32.13 -30.71
N PHE A 59 -2.88 -31.31 -31.75
CA PHE A 59 -2.28 -30.00 -31.58
C PHE A 59 -3.07 -28.95 -32.34
N SER A 60 -2.84 -27.68 -31.99
CA SER A 60 -3.63 -26.58 -32.63
C SER A 60 -3.07 -26.28 -34.01
N THR A 61 -1.89 -25.66 -34.09
CA THR A 61 -1.35 -25.24 -35.41
C THR A 61 -0.34 -26.27 -35.92
N PHE A 62 -0.71 -27.01 -36.97
CA PHE A 62 0.26 -27.95 -37.59
C PHE A 62 0.42 -27.52 -39.05
N LYS A 63 1.43 -26.72 -39.33
CA LYS A 63 1.67 -26.27 -40.70
C LYS A 63 3.06 -26.74 -41.10
N CYS A 64 3.14 -27.50 -42.19
CA CYS A 64 4.43 -27.90 -42.75
C CYS A 64 4.70 -27.00 -43.96
N TYR A 65 5.20 -25.80 -43.69
CA TYR A 65 5.36 -24.79 -44.73
C TYR A 65 6.41 -25.19 -45.73
N GLY A 66 6.18 -24.83 -46.99
CA GLY A 66 6.98 -25.32 -48.10
C GLY A 66 6.42 -26.62 -48.63
N VAL A 67 6.33 -27.63 -47.75
CA VAL A 67 5.93 -28.97 -48.12
C VAL A 67 4.57 -29.35 -47.54
N CYS A 76 14.47 -35.78 -46.76
CA CYS A 76 15.71 -35.94 -46.02
C CYS A 76 16.21 -34.59 -45.64
N PHE A 77 16.82 -34.50 -44.47
CA PHE A 77 17.44 -33.26 -44.08
C PHE A 77 18.91 -33.53 -43.78
N THR A 78 19.66 -32.45 -43.60
CA THR A 78 21.06 -32.57 -43.22
C THR A 78 21.30 -32.00 -41.83
N ASN A 79 20.93 -30.74 -41.61
CA ASN A 79 20.99 -30.11 -40.29
C ASN A 79 19.59 -29.64 -39.93
N VAL A 80 18.99 -30.28 -38.92
CA VAL A 80 17.63 -29.98 -38.47
C VAL A 80 17.71 -29.23 -37.14
N TYR A 81 16.82 -28.25 -36.98
CA TYR A 81 16.84 -27.33 -35.85
C TYR A 81 15.47 -27.30 -35.18
N ALA A 82 15.44 -27.53 -33.87
CA ALA A 82 14.21 -27.57 -33.08
C ALA A 82 14.22 -26.52 -31.96
N ASP A 83 13.07 -25.86 -31.75
CA ASP A 83 12.95 -24.74 -30.80
C ASP A 83 11.61 -24.79 -30.07
N SER A 84 11.57 -24.20 -28.87
CA SER A 84 10.31 -24.12 -28.12
C SER A 84 10.31 -22.96 -27.14
N PHE A 85 9.20 -22.25 -27.10
CA PHE A 85 9.06 -21.07 -26.25
C PHE A 85 7.58 -20.83 -25.98
N VAL A 86 7.29 -19.89 -25.09
CA VAL A 86 5.93 -19.61 -24.66
C VAL A 86 5.35 -18.50 -25.52
N ILE A 87 4.12 -18.70 -26.00
CA ILE A 87 3.33 -17.62 -26.61
C ILE A 87 1.88 -17.87 -26.25
N ARG A 88 1.07 -16.84 -26.39
CA ARG A 88 -0.37 -16.96 -26.18
C ARG A 88 -1.02 -17.59 -27.43
N GLY A 89 -2.35 -17.53 -27.52
CA GLY A 89 -3.07 -18.21 -28.58
C GLY A 89 -3.41 -17.36 -29.79
N ASP A 90 -3.18 -16.04 -29.67
CA ASP A 90 -3.40 -15.11 -30.79
C ASP A 90 -2.18 -15.02 -31.69
N GLU A 91 -0.99 -14.87 -31.11
CA GLU A 91 0.19 -14.45 -31.84
C GLU A 91 1.02 -15.61 -32.38
N VAL A 92 0.43 -16.80 -32.59
CA VAL A 92 1.11 -17.83 -33.38
C VAL A 92 1.27 -17.30 -34.81
N ARG A 93 0.39 -16.38 -35.21
CA ARG A 93 0.52 -15.59 -36.44
C ARG A 93 1.92 -15.02 -36.60
N GLN A 94 2.57 -14.61 -35.49
CA GLN A 94 3.84 -13.89 -35.54
C GLN A 94 4.96 -14.71 -36.16
N ILE A 95 5.02 -16.00 -35.84
CA ILE A 95 6.20 -16.81 -36.10
C ILE A 95 6.03 -17.39 -37.50
N ALA A 96 6.58 -16.67 -38.50
CA ALA A 96 6.33 -16.93 -39.92
C ALA A 96 7.16 -16.01 -40.82
N PRO A 97 7.41 -16.39 -42.08
CA PRO A 97 8.08 -15.48 -43.03
C PRO A 97 7.31 -14.19 -43.21
N GLY A 98 8.04 -13.08 -43.25
CA GLY A 98 7.46 -11.78 -43.55
C GLY A 98 6.25 -11.42 -42.72
N GLN A 99 6.26 -11.75 -41.43
CA GLN A 99 5.13 -11.52 -40.56
C GLN A 99 5.51 -10.57 -39.43
N THR A 100 4.61 -9.67 -39.04
CA THR A 100 4.99 -8.45 -38.33
C THR A 100 4.29 -8.30 -36.97
N GLY A 101 5.07 -8.34 -35.90
CA GLY A 101 4.59 -7.95 -34.60
C GLY A 101 5.48 -8.55 -33.53
N LYS A 102 5.05 -8.36 -32.27
CA LYS A 102 5.92 -8.41 -31.08
C LYS A 102 6.80 -9.66 -30.97
N ILE A 103 6.23 -10.86 -31.13
CA ILE A 103 7.06 -12.06 -30.96
C ILE A 103 7.69 -12.48 -32.28
N ALA A 104 7.28 -11.86 -33.40
CA ALA A 104 8.16 -11.87 -34.57
C ALA A 104 9.22 -10.80 -34.43
N ASP A 105 8.78 -9.54 -34.27
CA ASP A 105 9.64 -8.37 -34.34
C ASP A 105 10.75 -8.37 -33.28
N TYR A 106 10.35 -8.22 -32.01
CA TYR A 106 11.29 -8.04 -30.92
C TYR A 106 11.49 -9.31 -30.13
N ASN A 107 11.22 -10.48 -30.71
CA ASN A 107 11.55 -11.70 -29.96
C ASN A 107 12.18 -12.81 -30.79
N TYR A 108 11.59 -13.10 -31.95
CA TYR A 108 11.96 -14.27 -32.75
C TYR A 108 11.40 -14.12 -34.16
N LYS A 109 12.25 -13.88 -35.16
CA LYS A 109 11.83 -13.57 -36.52
C LYS A 109 12.37 -14.63 -37.47
N LEU A 110 11.71 -14.80 -38.61
CA LEU A 110 12.02 -15.83 -39.60
C LEU A 110 12.47 -15.23 -40.94
N PRO A 111 13.09 -16.04 -41.83
CA PRO A 111 13.36 -15.57 -43.19
C PRO A 111 12.13 -15.72 -44.06
N ASP A 112 12.26 -15.37 -45.33
CA ASP A 112 11.15 -15.38 -46.27
C ASP A 112 10.98 -16.70 -47.00
N ASP A 113 11.84 -17.69 -46.78
CA ASP A 113 11.72 -18.94 -47.52
C ASP A 113 11.49 -20.14 -46.60
N PHE A 114 10.50 -20.04 -45.71
CA PHE A 114 10.37 -20.91 -44.53
C PHE A 114 9.96 -22.34 -44.89
N THR A 115 10.95 -23.22 -44.95
CA THR A 115 10.75 -24.63 -45.20
C THR A 115 10.88 -25.39 -43.90
N GLY A 116 9.82 -26.08 -43.51
CA GLY A 116 9.80 -26.76 -42.24
C GLY A 116 8.38 -27.05 -41.79
N CYS A 117 8.30 -27.60 -40.57
CA CYS A 117 7.05 -27.88 -39.90
C CYS A 117 7.00 -27.21 -38.54
N VAL A 118 5.84 -26.67 -38.19
CA VAL A 118 5.61 -25.98 -36.92
C VAL A 118 4.47 -26.68 -36.21
N ILE A 119 4.67 -26.98 -34.93
CA ILE A 119 3.65 -27.64 -34.12
C ILE A 119 3.36 -26.73 -32.92
N ALA A 120 2.22 -26.04 -32.98
CA ALA A 120 1.76 -25.24 -31.85
C ALA A 120 0.53 -25.88 -31.22
N TRP A 121 0.42 -25.75 -29.90
CA TRP A 121 -0.62 -26.40 -29.10
C TRP A 121 -0.64 -25.76 -27.72
N ASN A 122 -1.76 -25.97 -27.00
CA ASN A 122 -2.05 -25.33 -25.71
C ASN A 122 -1.02 -25.70 -24.64
N SER A 123 -0.85 -24.83 -23.66
CA SER A 123 -0.33 -25.31 -22.39
C SER A 123 -0.95 -24.57 -21.22
N ASN A 124 -2.28 -24.35 -21.23
CA ASN A 124 -2.93 -23.65 -20.12
C ASN A 124 -2.97 -24.48 -18.84
N ASN A 125 -3.21 -25.80 -18.93
CA ASN A 125 -3.16 -26.63 -17.73
C ASN A 125 -1.76 -26.83 -17.17
N LEU A 126 -0.72 -26.47 -17.92
CA LEU A 126 0.65 -26.53 -17.46
C LEU A 126 1.27 -25.17 -17.18
N ASP A 127 1.02 -24.18 -18.04
CA ASP A 127 1.66 -22.87 -17.95
C ASP A 127 0.78 -21.81 -17.29
N SER A 128 -0.08 -22.16 -16.31
CA SER A 128 -1.02 -21.15 -15.81
C SER A 128 -1.30 -21.43 -14.34
N LYS A 129 -0.57 -20.77 -13.45
CA LYS A 129 -0.79 -20.91 -12.03
C LYS A 129 -1.79 -19.83 -11.58
N VAL A 130 -1.96 -19.65 -10.28
CA VAL A 130 -3.08 -18.87 -9.73
C VAL A 130 -2.60 -17.53 -9.23
N GLY A 131 -3.17 -16.46 -9.77
CA GLY A 131 -2.76 -15.15 -9.31
C GLY A 131 -1.47 -14.69 -9.92
N GLY A 132 -1.10 -15.26 -11.07
CA GLY A 132 0.10 -14.89 -11.80
C GLY A 132 0.96 -16.07 -12.23
N ASN A 133 1.40 -16.06 -13.48
CA ASN A 133 2.46 -16.94 -13.99
C ASN A 133 3.53 -16.04 -14.58
N TYR A 134 4.53 -15.71 -13.75
CA TYR A 134 5.68 -14.88 -14.07
C TYR A 134 6.89 -15.68 -14.48
N ASN A 135 6.76 -16.99 -14.49
CA ASN A 135 7.83 -17.86 -14.92
C ASN A 135 8.18 -17.65 -16.39
N TYR A 136 7.37 -16.87 -17.12
CA TYR A 136 7.54 -16.61 -18.53
C TYR A 136 7.73 -15.12 -18.82
N LEU A 137 8.29 -14.84 -20.00
CA LEU A 137 8.69 -13.51 -20.43
C LEU A 137 8.65 -13.44 -21.96
N TYR A 138 8.81 -12.20 -22.45
CA TYR A 138 8.89 -11.93 -23.91
C TYR A 138 9.53 -10.53 -24.02
N ARG A 139 10.41 -10.33 -25.00
CA ARG A 139 11.06 -9.01 -25.21
C ARG A 139 10.11 -8.00 -25.86
N LEU A 140 9.83 -6.90 -25.16
CA LEU A 140 9.00 -5.80 -25.62
C LEU A 140 9.86 -4.69 -26.21
N PHE A 141 10.77 -4.13 -25.41
CA PHE A 141 11.51 -2.92 -25.78
C PHE A 141 12.84 -3.27 -26.44
N ARG A 142 12.95 -3.00 -27.73
CA ARG A 142 14.20 -3.15 -28.47
C ARG A 142 14.16 -2.19 -29.65
N LYS A 143 15.29 -1.56 -29.96
CA LYS A 143 15.33 -0.51 -30.99
C LYS A 143 14.92 -1.05 -32.35
N SER A 144 15.46 -2.21 -32.74
CA SER A 144 15.19 -2.83 -34.03
C SER A 144 14.55 -4.20 -33.86
N ASN A 145 13.97 -4.72 -34.95
CA ASN A 145 13.48 -6.10 -34.94
C ASN A 145 14.66 -7.03 -35.09
N LEU A 146 14.40 -8.31 -35.37
CA LEU A 146 15.50 -9.16 -35.78
C LEU A 146 15.50 -9.42 -37.28
N LYS A 147 16.64 -9.86 -37.71
CA LYS A 147 16.93 -10.67 -38.89
C LYS A 147 16.44 -12.09 -38.59
N PRO A 148 16.55 -13.06 -39.50
CA PRO A 148 16.19 -14.43 -39.12
C PRO A 148 17.13 -15.02 -38.06
N PHE A 149 16.52 -15.66 -37.04
CA PHE A 149 17.20 -16.62 -36.15
C PHE A 149 18.37 -16.06 -35.32
N GLU A 150 18.24 -14.87 -34.76
CA GLU A 150 19.19 -14.50 -33.74
C GLU A 150 18.56 -14.77 -32.37
N ARG A 151 19.39 -15.08 -31.39
CA ARG A 151 18.97 -15.06 -30.00
C ARG A 151 19.60 -13.84 -29.35
N ASP A 152 18.83 -13.17 -28.49
CA ASP A 152 19.28 -11.99 -27.77
C ASP A 152 18.51 -11.91 -26.46
N ILE A 153 19.24 -11.74 -25.35
CA ILE A 153 18.77 -12.09 -24.01
C ILE A 153 18.95 -10.95 -23.04
N SER A 154 19.36 -9.79 -23.52
CA SER A 154 19.83 -8.71 -22.66
C SER A 154 18.76 -8.18 -21.72
N THR A 155 19.18 -7.84 -20.51
CA THR A 155 18.42 -6.98 -19.61
C THR A 155 19.08 -5.61 -19.52
N GLU A 156 19.63 -5.10 -20.65
CA GLU A 156 20.27 -3.81 -20.58
C GLU A 156 19.24 -2.75 -20.92
N ILE A 157 19.25 -1.66 -20.15
CA ILE A 157 18.21 -0.64 -20.18
C ILE A 157 18.25 0.13 -21.50
N TYR A 158 17.25 -0.17 -22.34
CA TYR A 158 16.87 0.37 -23.65
C TYR A 158 16.87 1.89 -23.69
N GLN A 159 17.85 2.47 -24.38
CA GLN A 159 18.13 3.90 -24.28
C GLN A 159 17.05 4.70 -25.00
N ALA A 160 16.40 5.61 -24.26
CA ALA A 160 15.22 6.28 -24.79
C ALA A 160 15.40 7.79 -24.98
N GLY A 161 16.13 8.47 -24.10
CA GLY A 161 16.32 9.89 -24.23
C GLY A 161 17.79 10.27 -24.14
N SER A 162 18.06 11.54 -24.46
CA SER A 162 19.38 12.10 -24.22
C SER A 162 19.71 12.08 -22.73
N THR A 163 18.69 12.14 -21.89
CA THR A 163 18.84 11.79 -20.48
C THR A 163 19.33 10.35 -20.38
N PRO A 164 20.47 10.11 -19.72
CA PRO A 164 21.10 8.78 -19.80
C PRO A 164 20.32 7.73 -19.02
N CYS A 165 20.77 6.48 -19.04
CA CYS A 165 20.18 5.42 -18.24
C CYS A 165 21.14 4.78 -17.25
N ASN A 166 22.36 4.47 -17.68
CA ASN A 166 23.42 3.88 -16.81
C ASN A 166 22.89 2.68 -16.03
N GLY A 167 21.70 2.18 -16.39
CA GLY A 167 21.08 1.09 -15.62
C GLY A 167 20.05 1.62 -14.63
N VAL A 168 20.06 2.94 -14.40
CA VAL A 168 19.05 3.58 -13.49
C VAL A 168 17.84 3.87 -14.37
N GLU A 169 16.81 3.06 -14.27
CA GLU A 169 15.64 3.21 -15.13
C GLU A 169 14.71 4.27 -14.57
N GLY A 170 13.43 4.17 -14.93
CA GLY A 170 12.51 5.19 -14.51
C GLY A 170 11.86 5.75 -15.75
N PHE A 171 11.77 7.05 -15.87
CA PHE A 171 11.36 7.60 -17.15
C PHE A 171 12.59 7.74 -18.02
N ASN A 172 12.39 7.66 -19.34
CA ASN A 172 13.40 7.82 -20.37
C ASN A 172 14.37 6.65 -20.34
N CYS A 173 14.02 5.59 -19.60
CA CYS A 173 14.85 4.45 -19.26
C CYS A 173 13.96 3.34 -18.72
N TYR A 174 13.84 2.23 -19.43
CA TYR A 174 12.84 1.21 -19.10
C TYR A 174 13.53 -0.13 -18.82
N PHE A 175 12.72 -1.16 -18.61
CA PHE A 175 13.20 -2.52 -18.52
C PHE A 175 12.70 -3.27 -19.75
N PRO A 176 13.61 -3.81 -20.57
CA PRO A 176 13.27 -4.17 -21.97
C PRO A 176 12.09 -5.11 -22.11
N LEU A 177 11.95 -6.07 -21.19
CA LEU A 177 11.00 -7.17 -21.33
C LEU A 177 9.74 -6.87 -20.53
N GLN A 178 8.71 -7.66 -20.76
CA GLN A 178 7.65 -7.87 -19.78
C GLN A 178 7.33 -9.35 -19.70
N SER A 179 6.80 -9.77 -18.57
CA SER A 179 6.43 -11.16 -18.45
C SER A 179 5.08 -11.39 -19.11
N TYR A 180 4.82 -12.63 -19.47
CA TYR A 180 3.53 -12.95 -20.04
C TYR A 180 2.43 -12.89 -19.01
N GLY A 181 2.75 -13.15 -17.75
CA GLY A 181 1.75 -13.12 -16.67
C GLY A 181 0.55 -13.97 -16.94
N PHE A 182 0.76 -15.14 -17.56
CA PHE A 182 -0.35 -15.95 -18.06
C PHE A 182 -1.15 -16.51 -16.93
N GLN A 183 -2.42 -16.81 -17.21
CA GLN A 183 -3.36 -17.24 -16.18
C GLN A 183 -4.53 -17.95 -16.85
N PRO A 184 -5.31 -18.79 -16.10
CA PRO A 184 -6.25 -19.73 -16.77
C PRO A 184 -7.60 -19.27 -17.36
N THR A 185 -8.28 -18.20 -16.92
CA THR A 185 -9.59 -17.99 -17.55
C THR A 185 -9.53 -17.29 -18.88
N ASN A 186 -8.36 -16.77 -19.24
CA ASN A 186 -8.13 -16.15 -20.54
C ASN A 186 -8.81 -16.94 -21.67
N GLY A 187 -9.48 -16.20 -22.56
CA GLY A 187 -10.54 -16.76 -23.38
C GLY A 187 -9.93 -17.51 -24.55
N VAL A 188 -10.23 -17.11 -25.78
CA VAL A 188 -9.57 -17.75 -26.91
C VAL A 188 -8.26 -17.02 -27.25
N GLY A 189 -8.03 -15.87 -26.63
CA GLY A 189 -6.93 -15.01 -27.04
C GLY A 189 -5.69 -14.99 -26.18
N TYR A 190 -5.84 -15.20 -24.87
CA TYR A 190 -4.80 -14.80 -23.94
C TYR A 190 -4.17 -15.96 -23.15
N GLN A 191 -4.21 -17.26 -23.65
CA GLN A 191 -3.66 -18.43 -22.95
C GLN A 191 -2.38 -18.94 -23.58
N PRO A 192 -1.40 -19.37 -22.80
CA PRO A 192 -0.13 -19.85 -23.37
C PRO A 192 -0.30 -21.08 -24.23
N TYR A 193 0.30 -21.06 -25.43
CA TYR A 193 0.30 -22.22 -26.32
C TYR A 193 1.73 -22.54 -26.74
N ARG A 194 2.21 -23.74 -26.39
CA ARG A 194 3.57 -24.11 -26.72
C ARG A 194 3.74 -24.27 -28.22
N VAL A 195 4.99 -24.21 -28.68
CA VAL A 195 5.32 -24.20 -30.09
C VAL A 195 6.46 -25.16 -30.31
N VAL A 196 6.46 -25.91 -31.41
CA VAL A 196 7.65 -26.59 -31.86
C VAL A 196 8.02 -26.07 -33.24
N VAL A 197 9.21 -25.47 -33.34
CA VAL A 197 9.77 -25.03 -34.62
C VAL A 197 10.71 -26.10 -35.15
N LEU A 198 10.46 -26.63 -36.33
CA LEU A 198 11.37 -27.60 -36.95
C LEU A 198 11.94 -27.05 -38.24
N SER A 199 12.92 -26.16 -38.14
CA SER A 199 13.53 -25.57 -39.31
C SER A 199 14.64 -26.47 -39.85
N PHE A 200 14.87 -26.43 -41.16
CA PHE A 200 15.86 -27.31 -41.78
C PHE A 200 16.84 -26.50 -42.62
N GLU A 201 18.10 -26.91 -42.62
CA GLU A 201 19.16 -26.24 -43.36
C GLU A 201 19.99 -27.31 -44.07
N LEU A 202 20.30 -27.08 -45.36
CA LEU A 202 20.71 -28.16 -46.25
C LEU A 202 22.14 -28.01 -46.78
N LEU A 203 22.95 -27.15 -46.15
CA LEU A 203 24.31 -26.76 -46.59
C LEU A 203 24.54 -26.66 -48.10
N VAL B 2 -8.04 -8.01 -7.13
CA VAL B 2 -6.79 -7.26 -7.15
C VAL B 2 -6.55 -6.63 -5.78
N GLN B 3 -5.60 -7.15 -5.01
CA GLN B 3 -5.45 -6.76 -3.61
C GLN B 3 -4.00 -6.89 -3.17
N LEU B 4 -3.57 -5.97 -2.30
CA LEU B 4 -2.24 -5.96 -1.69
C LEU B 4 -2.38 -6.04 -0.17
N VAL B 5 -1.37 -6.61 0.51
CA VAL B 5 -1.28 -6.65 1.98
C VAL B 5 0.18 -6.52 2.40
N GLN B 6 0.45 -5.61 3.34
CA GLN B 6 1.78 -5.41 3.90
C GLN B 6 1.99 -6.25 5.14
N SER B 7 3.25 -6.39 5.53
CA SER B 7 3.52 -7.06 6.79
C SER B 7 3.18 -6.11 7.95
N GLY B 8 3.26 -6.65 9.15
CA GLY B 8 2.79 -5.92 10.31
C GLY B 8 3.83 -5.00 10.92
N ALA B 9 3.36 -4.18 11.85
CA ALA B 9 4.19 -3.16 12.48
C ALA B 9 5.34 -3.80 13.23
N GLU B 10 6.51 -3.16 13.15
CA GLU B 10 7.71 -3.68 13.74
C GLU B 10 8.44 -2.55 14.45
N VAL B 11 9.19 -2.91 15.50
CA VAL B 11 9.95 -1.95 16.29
C VAL B 11 11.43 -2.30 16.21
N LYS B 12 12.27 -1.29 16.00
CA LYS B 12 13.72 -1.52 15.96
C LYS B 12 14.44 -0.48 16.80
N LYS B 13 15.48 -0.93 17.52
CA LYS B 13 16.40 -0.03 18.18
C LYS B 13 17.22 0.70 17.14
N PRO B 14 17.63 1.96 17.42
CA PRO B 14 18.42 2.73 16.44
C PRO B 14 19.75 2.07 16.12
N GLY B 15 20.12 2.11 14.84
CA GLY B 15 21.24 1.38 14.30
C GLY B 15 20.86 0.11 13.55
N ALA B 16 19.71 -0.48 13.86
CA ALA B 16 19.34 -1.77 13.28
C ALA B 16 18.72 -1.55 11.89
N SER B 17 18.15 -2.62 11.35
CA SER B 17 17.40 -2.58 10.09
C SER B 17 16.08 -3.31 10.28
N VAL B 18 15.25 -3.30 9.23
CA VAL B 18 13.96 -3.99 9.27
C VAL B 18 13.61 -4.51 7.87
N ARG B 19 13.02 -5.71 7.85
CA ARG B 19 12.38 -6.30 6.69
C ARG B 19 10.91 -5.87 6.66
N VAL B 20 10.45 -5.35 5.52
CA VAL B 20 9.06 -4.94 5.35
C VAL B 20 8.56 -5.39 3.98
N SER B 21 7.51 -6.25 3.97
CA SER B 21 7.03 -6.92 2.77
C SER B 21 5.67 -6.40 2.33
N CYS B 22 5.46 -6.46 1.01
CA CYS B 22 4.19 -6.13 0.35
C CYS B 22 3.79 -7.29 -0.57
N LYS B 23 2.55 -7.78 -0.41
CA LYS B 23 2.15 -9.06 -0.99
C LYS B 23 0.94 -8.89 -1.89
N ALA B 24 1.10 -9.30 -3.15
CA ALA B 24 0.07 -9.15 -4.15
C ALA B 24 -0.87 -10.36 -4.15
N SER B 25 -2.14 -10.09 -4.45
CA SER B 25 -3.14 -11.14 -4.61
C SER B 25 -4.08 -10.72 -5.73
N GLY B 26 -4.23 -11.58 -6.73
CA GLY B 26 -5.30 -11.43 -7.68
C GLY B 26 -5.03 -10.52 -8.86
N TYR B 27 -3.77 -10.18 -9.15
CA TYR B 27 -3.48 -9.48 -10.40
C TYR B 27 -2.05 -9.85 -10.77
N THR B 28 -1.73 -9.62 -12.05
CA THR B 28 -0.39 -9.93 -12.59
C THR B 28 0.69 -9.08 -11.93
N PHE B 29 1.48 -9.71 -11.04
CA PHE B 29 2.46 -8.99 -10.23
C PHE B 29 3.61 -8.37 -11.02
N THR B 30 3.92 -8.88 -12.21
CA THR B 30 5.06 -8.37 -12.98
C THR B 30 4.77 -7.30 -14.01
N GLY B 31 3.52 -7.20 -14.49
CA GLY B 31 3.23 -6.19 -15.51
C GLY B 31 3.38 -4.78 -14.98
N TYR B 32 2.88 -4.53 -13.78
CA TYR B 32 2.89 -3.20 -13.18
C TYR B 32 4.05 -3.05 -12.21
N TYR B 33 4.64 -1.85 -12.18
CA TYR B 33 5.76 -1.53 -11.29
C TYR B 33 5.36 -1.63 -9.82
N MET B 34 6.37 -1.71 -8.96
CA MET B 34 6.13 -1.74 -7.50
C MET B 34 6.87 -0.58 -6.83
N HIS B 35 6.12 0.46 -6.50
CA HIS B 35 6.73 1.64 -5.83
C HIS B 35 6.55 1.53 -4.32
N TRP B 36 7.08 2.50 -3.57
CA TRP B 36 6.97 2.56 -2.12
C TRP B 36 7.09 4.02 -1.72
N VAL B 37 6.25 4.48 -0.78
CA VAL B 37 6.17 5.89 -0.38
C VAL B 37 6.14 5.98 1.15
N ARG B 38 6.74 7.05 1.69
CA ARG B 38 6.78 7.25 3.13
C ARG B 38 5.87 8.41 3.57
N GLN B 39 5.06 8.15 4.61
CA GLN B 39 4.29 9.19 5.28
C GLN B 39 4.63 9.10 6.77
N ALA B 40 5.46 10.03 7.21
CA ALA B 40 5.72 10.22 8.63
C ALA B 40 4.48 10.82 9.28
N PRO B 41 4.35 10.71 10.61
CA PRO B 41 3.21 11.34 11.28
C PRO B 41 3.19 12.83 11.02
N GLY B 42 2.08 13.30 10.44
CA GLY B 42 1.81 14.70 10.20
C GLY B 42 2.28 15.23 8.86
N GLN B 43 3.19 14.54 8.20
CA GLN B 43 3.80 15.01 6.98
C GLN B 43 3.10 14.43 5.76
N GLY B 44 3.46 14.92 4.59
CA GLY B 44 2.92 14.42 3.35
C GLY B 44 3.66 13.19 2.86
N LEU B 45 3.27 12.74 1.68
CA LEU B 45 3.77 11.50 1.11
C LEU B 45 5.05 11.75 0.31
N GLU B 46 6.13 11.14 0.75
CA GLU B 46 7.44 11.29 0.11
C GLU B 46 7.71 10.01 -0.67
N TRP B 47 7.76 10.12 -2.00
CA TRP B 47 8.11 8.96 -2.82
C TRP B 47 9.54 8.54 -2.54
N MET B 48 9.76 7.24 -2.43
CA MET B 48 11.03 6.68 -2.03
C MET B 48 11.73 6.01 -3.21
N GLY B 49 11.06 5.08 -3.87
CA GLY B 49 11.68 4.29 -4.92
C GLY B 49 10.71 3.27 -5.46
N TRP B 50 11.20 2.46 -6.39
CA TRP B 50 10.44 1.31 -6.89
C TRP B 50 11.38 0.16 -7.28
N ILE B 51 10.76 -0.94 -7.70
CA ILE B 51 11.46 -2.19 -8.00
C ILE B 51 10.71 -2.90 -9.13
N ASN B 52 11.42 -3.28 -10.21
CA ASN B 52 10.79 -4.09 -11.23
CA ASN B 52 10.81 -4.11 -11.24
C ASN B 52 10.66 -5.51 -10.70
N PRO B 53 9.43 -6.07 -10.63
CA PRO B 53 9.30 -7.46 -10.19
C PRO B 53 9.94 -8.47 -11.14
N ILE B 54 10.15 -8.12 -12.41
CA ILE B 54 10.88 -8.97 -13.34
C ILE B 54 12.36 -8.84 -13.08
N SER B 55 12.84 -9.63 -12.12
CA SER B 55 14.22 -10.00 -11.80
C SER B 55 15.12 -9.00 -11.08
N ASP B 56 14.96 -7.68 -11.23
CA ASP B 56 15.75 -6.66 -10.51
C ASP B 56 15.36 -5.28 -10.97
N GLY B 57 15.99 -4.25 -10.44
CA GLY B 57 15.92 -2.94 -11.06
C GLY B 57 15.33 -1.89 -10.16
N THR B 58 16.17 -0.97 -9.69
CA THR B 58 15.79 -0.01 -8.67
C THR B 58 16.09 1.40 -9.13
N ASN B 59 15.22 2.33 -8.73
CA ASN B 59 15.49 3.75 -8.77
C ASN B 59 15.00 4.37 -7.48
N TYR B 60 15.79 5.24 -6.89
CA TYR B 60 15.46 5.87 -5.63
C TYR B 60 15.38 7.39 -5.81
N ALA B 61 14.78 8.05 -4.82
CA ALA B 61 14.79 9.49 -4.74
C ALA B 61 15.94 9.92 -3.86
N GLN B 62 16.39 11.16 -4.05
CA GLN B 62 17.76 11.54 -3.71
C GLN B 62 18.02 11.68 -2.22
N LYS B 63 17.13 11.16 -1.39
CA LYS B 63 17.31 11.21 0.05
C LYS B 63 17.31 9.85 0.70
N PHE B 64 16.85 8.81 -0.02
CA PHE B 64 16.70 7.46 0.49
C PHE B 64 17.74 6.49 -0.07
N GLN B 65 18.65 6.98 -0.91
CA GLN B 65 19.52 6.15 -1.72
C GLN B 65 20.57 5.41 -0.90
N GLY B 66 20.77 4.13 -1.23
CA GLY B 66 21.71 3.29 -0.52
C GLY B 66 21.12 2.57 0.68
N TRP B 67 20.69 3.34 1.68
CA TRP B 67 20.24 2.79 2.95
C TRP B 67 18.84 2.18 2.87
N VAL B 68 18.05 2.57 1.89
CA VAL B 68 16.84 1.86 1.53
C VAL B 68 17.20 0.90 0.41
N THR B 69 16.74 -0.35 0.52
CA THR B 69 17.07 -1.39 -0.45
C THR B 69 15.83 -2.23 -0.71
N MET B 70 15.33 -2.21 -1.95
CA MET B 70 14.08 -2.89 -2.32
C MET B 70 14.37 -4.16 -3.13
N THR B 71 13.71 -5.28 -2.77
CA THR B 71 13.83 -6.56 -3.48
C THR B 71 12.50 -7.32 -3.52
N ARG B 72 12.45 -8.30 -4.40
CA ARG B 72 11.19 -9.05 -4.59
C ARG B 72 11.47 -10.54 -4.66
N ASP B 73 10.42 -11.35 -4.58
CA ASP B 73 10.54 -12.79 -4.83
C ASP B 73 9.31 -13.28 -5.58
N THR B 74 9.53 -14.13 -6.59
CA THR B 74 8.48 -14.46 -7.54
C THR B 74 7.50 -15.49 -7.00
N SER B 75 7.97 -16.36 -6.09
CA SER B 75 7.24 -17.57 -5.74
C SER B 75 5.90 -17.28 -5.07
N ILE B 76 5.88 -16.33 -4.15
CA ILE B 76 4.68 -16.05 -3.37
C ILE B 76 4.14 -14.65 -3.66
N SER B 77 4.57 -14.05 -4.77
CA SER B 77 4.13 -12.71 -5.23
C SER B 77 4.38 -11.65 -4.16
N THR B 78 5.59 -11.61 -3.63
CA THR B 78 5.86 -10.76 -2.48
C THR B 78 7.11 -9.91 -2.73
N VAL B 79 7.08 -8.65 -2.29
CA VAL B 79 8.18 -7.73 -2.48
C VAL B 79 8.59 -7.20 -1.12
N TYR B 80 9.85 -6.79 -0.98
CA TYR B 80 10.48 -6.55 0.31
C TYR B 80 11.21 -5.22 0.30
N MET B 81 11.20 -4.52 1.43
CA MET B 81 11.95 -3.28 1.60
C MET B 81 12.74 -3.28 2.89
N GLU B 82 14.04 -3.01 2.78
CA GLU B 82 14.95 -2.94 3.92
C GLU B 82 15.32 -1.48 4.19
N LEU B 83 15.27 -1.10 5.48
CA LEU B 83 15.75 0.21 5.95
C LEU B 83 17.01 -0.01 6.79
N SER B 84 18.17 0.11 6.16
CA SER B 84 19.41 0.11 6.91
C SER B 84 19.67 1.46 7.57
N ARG B 85 20.48 1.41 8.64
CA ARG B 85 20.89 2.57 9.43
C ARG B 85 19.68 3.37 9.92
N LEU B 86 18.87 2.70 10.74
CA LEU B 86 17.64 3.29 11.27
C LEU B 86 17.94 4.30 12.37
N ARG B 87 17.46 5.53 12.18
CA ARG B 87 17.54 6.54 13.22
C ARG B 87 16.12 7.09 13.46
N SER B 88 16.01 7.80 14.59
CA SER B 88 14.74 7.95 15.30
C SER B 88 13.64 8.53 14.42
N ASP B 89 13.97 9.56 13.62
CA ASP B 89 12.96 10.13 12.75
C ASP B 89 12.91 9.46 11.38
N ASP B 90 13.23 8.16 11.34
CA ASP B 90 12.69 7.28 10.30
C ASP B 90 11.34 6.68 10.69
N THR B 91 10.96 6.78 11.96
CA THR B 91 9.69 6.28 12.45
C THR B 91 8.55 6.85 11.62
N ALA B 92 7.85 6.00 10.88
CA ALA B 92 6.89 6.52 9.91
C ALA B 92 5.87 5.43 9.55
N VAL B 93 5.12 5.68 8.48
CA VAL B 93 4.22 4.70 7.88
C VAL B 93 4.62 4.62 6.41
N TYR B 94 5.07 3.45 5.99
CA TYR B 94 5.64 3.22 4.68
C TYR B 94 4.67 2.40 3.84
N TYR B 95 4.13 2.99 2.78
CA TYR B 95 3.24 2.26 1.90
C TYR B 95 4.04 1.62 0.79
N CYS B 96 3.57 0.48 0.28
CA CYS B 96 3.99 0.03 -1.03
C CYS B 96 2.93 0.50 -2.02
N ALA B 97 3.34 0.77 -3.24
CA ALA B 97 2.43 1.35 -4.21
C ALA B 97 2.50 0.55 -5.48
N ARG B 98 1.35 0.31 -6.08
CA ARG B 98 1.29 -0.37 -7.37
C ARG B 98 0.78 0.63 -8.38
N GLY B 99 1.56 0.88 -9.42
CA GLY B 99 1.15 1.59 -10.60
C GLY B 99 2.35 1.72 -11.53
N GLY B 100 2.22 1.36 -12.80
CA GLY B 100 3.43 1.17 -13.56
C GLY B 100 3.31 0.64 -14.97
N SER B 101 4.31 -0.16 -15.36
CA SER B 101 4.72 -0.33 -16.76
C SER B 101 3.89 -1.37 -17.50
N ARG B 102 2.64 -1.03 -17.77
CA ARG B 102 1.93 -1.82 -18.76
C ARG B 102 2.47 -1.52 -20.16
N CYS B 103 2.28 -0.29 -20.63
CA CYS B 103 2.71 0.05 -21.98
C CYS B 103 2.93 1.55 -22.11
N SER B 104 3.45 1.93 -23.28
CA SER B 104 3.47 3.30 -23.77
C SER B 104 2.71 3.44 -25.08
N GLY B 105 1.92 2.44 -25.46
CA GLY B 105 1.29 2.35 -26.76
C GLY B 105 -0.14 2.83 -26.78
N GLY B 106 -0.96 2.22 -27.65
CA GLY B 106 -2.36 2.58 -27.73
C GLY B 106 -3.33 1.59 -27.14
N ASN B 107 -3.12 0.30 -27.41
CA ASN B 107 -4.02 -0.78 -26.96
C ASN B 107 -4.13 -0.77 -25.45
N CYS B 108 -2.98 -0.69 -24.80
CA CYS B 108 -2.75 -0.75 -23.38
C CYS B 108 -1.98 0.49 -22.96
N TYR B 109 -2.39 1.12 -21.85
CA TYR B 109 -1.68 2.19 -21.16
C TYR B 109 -2.45 2.57 -19.90
N GLY B 110 -1.82 3.42 -19.09
CA GLY B 110 -2.39 3.92 -17.85
C GLY B 110 -1.42 3.88 -16.68
N TRP B 111 -1.19 5.03 -16.04
CA TRP B 111 -0.22 5.25 -14.97
C TRP B 111 -0.96 5.55 -13.67
N ALA B 112 -0.21 6.09 -12.69
CA ALA B 112 -0.74 6.63 -11.44
C ALA B 112 -1.24 5.57 -10.47
N TYR B 113 -0.45 5.34 -9.44
CA TYR B 113 -0.64 4.34 -8.39
C TYR B 113 -2.10 4.15 -7.99
N ASP B 114 -2.65 3.00 -8.33
CA ASP B 114 -4.08 2.78 -8.24
C ASP B 114 -4.44 1.78 -7.16
N ALA B 115 -3.46 1.02 -6.68
CA ALA B 115 -3.66 0.03 -5.63
C ALA B 115 -2.54 0.26 -4.62
N PHE B 116 -2.89 0.96 -3.54
CA PHE B 116 -2.04 1.14 -2.38
C PHE B 116 -2.19 -0.06 -1.43
N ASP B 117 -1.83 0.10 -0.17
CA ASP B 117 -1.83 -1.03 0.74
C ASP B 117 -2.09 -0.57 2.18
N ILE B 118 -1.75 -1.41 3.15
CA ILE B 118 -2.40 -1.37 4.46
C ILE B 118 -1.57 -0.71 5.55
N TRP B 119 -0.76 0.30 5.18
CA TRP B 119 -0.18 1.24 6.15
C TRP B 119 0.65 0.50 7.21
N GLY B 120 1.79 -0.04 6.76
CA GLY B 120 2.68 -0.77 7.67
C GLY B 120 3.62 0.08 8.51
N GLN B 121 3.32 0.23 9.81
CA GLN B 121 4.10 1.10 10.69
C GLN B 121 5.54 0.62 10.90
N GLY B 122 6.42 1.57 11.18
CA GLY B 122 7.75 1.31 11.69
C GLY B 122 8.06 2.25 12.84
N THR B 123 8.29 1.71 14.04
CA THR B 123 8.55 2.47 15.25
C THR B 123 10.00 2.24 15.69
N MET B 124 10.77 3.31 15.83
CA MET B 124 12.18 3.21 16.22
C MET B 124 12.37 3.86 17.59
N ILE B 125 12.71 3.03 18.58
CA ILE B 125 12.97 3.53 19.94
C ILE B 125 13.86 2.52 20.63
N THR B 126 14.49 2.94 21.73
CA THR B 126 15.37 2.08 22.51
C THR B 126 14.61 1.21 23.52
N VAL B 127 13.38 1.60 23.88
CA VAL B 127 12.71 0.98 25.03
C VAL B 127 12.32 -0.45 24.66
N SER B 128 12.35 -1.35 25.65
CA SER B 128 12.12 -2.77 25.46
C SER B 128 10.63 -3.10 25.52
N SER B 129 10.30 -4.34 25.13
CA SER B 129 8.91 -4.79 25.08
C SER B 129 8.33 -4.90 26.49
N ALA B 130 7.35 -4.06 26.80
CA ALA B 130 6.64 -4.14 28.07
C ALA B 130 5.20 -4.61 27.83
N SER B 131 4.68 -5.39 28.77
CA SER B 131 3.37 -6.01 28.59
C SER B 131 2.26 -5.22 29.27
N THR B 132 1.04 -5.52 28.86
CA THR B 132 -0.14 -4.78 29.32
C THR B 132 -0.41 -5.01 30.79
N LYS B 133 -0.81 -3.96 31.48
CA LYS B 133 -1.29 -4.07 32.86
C LYS B 133 -2.72 -3.53 32.84
N GLY B 134 -3.68 -4.44 33.00
CA GLY B 134 -5.09 -4.18 32.79
C GLY B 134 -6.01 -3.95 33.99
N PRO B 135 -6.01 -2.79 34.64
CA PRO B 135 -7.06 -2.53 35.64
C PRO B 135 -8.38 -2.08 35.01
N SER B 136 -9.47 -2.43 35.68
CA SER B 136 -10.83 -2.09 35.30
C SER B 136 -11.09 -0.61 35.60
N VAL B 137 -12.15 -0.06 35.00
CA VAL B 137 -12.74 1.20 35.50
C VAL B 137 -14.27 1.02 35.63
N PHE B 138 -14.76 1.01 36.87
CA PHE B 138 -16.13 0.65 37.27
C PHE B 138 -17.10 1.80 36.97
N PRO B 139 -18.41 1.53 36.92
CA PRO B 139 -19.36 2.60 36.59
C PRO B 139 -19.72 3.44 37.81
N LEU B 140 -20.45 4.52 37.53
CA LEU B 140 -20.85 5.55 38.52
C LEU B 140 -21.63 5.00 39.71
N GLY B 149 -30.37 7.48 36.74
CA GLY B 149 -29.48 6.57 36.03
C GLY B 149 -30.13 6.01 34.78
N GLY B 150 -29.84 6.65 33.63
CA GLY B 150 -30.24 6.11 32.36
C GLY B 150 -29.11 5.39 31.65
N THR B 151 -27.99 6.09 31.50
CA THR B 151 -26.80 5.54 30.84
C THR B 151 -25.78 5.13 31.89
N ALA B 152 -24.73 4.46 31.42
CA ALA B 152 -23.62 4.08 32.28
C ALA B 152 -22.40 3.82 31.39
N ALA B 153 -21.21 4.07 31.95
CA ALA B 153 -19.98 4.01 31.18
C ALA B 153 -18.90 3.23 31.92
N LEU B 154 -18.77 1.93 31.62
CA LEU B 154 -17.69 1.11 32.16
C LEU B 154 -16.57 0.94 31.15
N GLY B 155 -15.38 0.55 31.63
CA GLY B 155 -14.26 0.36 30.72
C GLY B 155 -13.09 -0.42 31.31
N CYS B 156 -12.13 -0.73 30.43
CA CYS B 156 -10.85 -1.31 30.83
C CYS B 156 -9.69 -0.39 30.51
N LEU B 157 -8.94 -0.02 31.55
CA LEU B 157 -7.66 0.64 31.40
C LEU B 157 -6.58 -0.39 31.15
N VAL B 158 -5.73 -0.11 30.17
CA VAL B 158 -4.64 -0.99 29.79
C VAL B 158 -3.38 -0.12 29.80
N LYS B 159 -2.48 -0.35 30.77
CA LYS B 159 -1.45 0.62 31.11
C LYS B 159 -0.03 0.05 30.96
N ASP B 160 0.90 0.91 30.51
CA ASP B 160 2.34 0.66 30.53
C ASP B 160 2.72 -0.54 29.66
N TYR B 161 2.46 -0.44 28.37
CA TYR B 161 2.82 -1.48 27.45
C TYR B 161 3.63 -0.88 26.32
N PHE B 162 4.40 -1.74 25.66
CA PHE B 162 5.14 -1.36 24.47
C PHE B 162 5.45 -2.64 23.69
N PRO B 163 5.21 -2.69 22.36
CA PRO B 163 4.68 -1.67 21.45
C PRO B 163 3.22 -1.81 21.03
N GLU B 164 2.83 -0.93 20.13
CA GLU B 164 1.53 -1.00 19.51
C GLU B 164 1.48 -2.25 18.62
N PRO B 165 0.27 -2.82 18.40
CA PRO B 165 -1.02 -2.38 18.96
C PRO B 165 -1.44 -3.22 20.14
N VAL B 166 -2.63 -2.98 20.68
CA VAL B 166 -3.30 -3.94 21.54
C VAL B 166 -4.73 -4.09 21.04
N THR B 167 -5.17 -5.33 20.91
CA THR B 167 -6.55 -5.63 20.51
C THR B 167 -7.43 -5.74 21.74
N VAL B 168 -8.43 -4.87 21.82
CA VAL B 168 -9.48 -4.93 22.84
C VAL B 168 -10.79 -5.36 22.16
N SER B 169 -11.51 -6.25 22.81
CA SER B 169 -12.85 -6.59 22.35
C SER B 169 -13.67 -6.90 23.59
N TRP B 170 -14.82 -6.25 23.73
CA TRP B 170 -15.68 -6.47 24.89
C TRP B 170 -16.52 -7.74 24.70
N ASN B 171 -16.42 -8.64 25.71
CA ASN B 171 -17.02 -9.97 25.78
C ASN B 171 -16.69 -10.88 24.60
N SER B 172 -15.68 -10.51 23.79
CA SER B 172 -15.13 -11.28 22.68
C SER B 172 -16.23 -11.81 21.76
N GLY B 173 -16.91 -10.88 21.12
CA GLY B 173 -17.92 -11.25 20.15
C GLY B 173 -18.86 -10.10 19.90
N ALA B 174 -19.99 -10.42 19.28
CA ALA B 174 -20.97 -9.43 18.90
C ALA B 174 -21.70 -8.88 20.11
N LEU B 175 -20.96 -8.21 20.99
CA LEU B 175 -21.52 -7.37 22.05
C LEU B 175 -20.79 -6.05 21.89
N THR B 176 -21.33 -5.18 21.04
CA THR B 176 -20.61 -3.96 20.72
C THR B 176 -21.56 -2.78 20.63
N SER B 177 -22.56 -2.74 21.53
CA SER B 177 -23.32 -1.51 21.72
C SER B 177 -22.43 -0.47 22.34
N GLY B 178 -22.28 0.66 21.67
CA GLY B 178 -21.47 1.77 22.15
C GLY B 178 -20.12 1.36 22.67
N VAL B 179 -19.28 0.77 21.82
CA VAL B 179 -17.90 0.44 22.17
C VAL B 179 -16.99 1.50 21.57
N HIS B 180 -16.27 2.21 22.43
CA HIS B 180 -15.36 3.26 21.97
C HIS B 180 -14.01 3.08 22.66
N THR B 181 -12.98 2.76 21.86
CA THR B 181 -11.67 2.36 22.37
C THR B 181 -10.67 3.42 21.92
N PHE B 182 -10.34 4.32 22.84
CA PHE B 182 -9.61 5.53 22.52
C PHE B 182 -8.16 5.22 22.10
N PRO B 183 -7.53 6.08 21.29
CA PRO B 183 -6.13 5.84 20.92
C PRO B 183 -5.19 6.18 22.07
N ALA B 184 -4.13 5.40 22.19
CA ALA B 184 -3.18 5.55 23.29
C ALA B 184 -2.33 6.81 23.11
N VAL B 185 -1.82 7.32 24.23
CA VAL B 185 -0.82 8.38 24.19
C VAL B 185 0.51 7.76 24.61
N LEU B 186 1.56 8.10 23.89
CA LEU B 186 2.90 7.73 24.30
C LEU B 186 3.22 8.57 25.51
N GLN B 187 3.13 7.94 26.67
CA GLN B 187 3.53 8.53 27.93
C GLN B 187 5.04 8.76 27.96
N SER B 188 5.48 9.66 28.84
CA SER B 188 6.84 10.19 28.71
C SER B 188 7.92 9.23 29.23
N SER B 189 7.80 7.96 28.88
CA SER B 189 8.73 6.93 29.31
C SER B 189 8.89 5.87 28.24
N GLY B 190 8.39 6.10 27.03
CA GLY B 190 8.41 5.11 25.96
C GLY B 190 7.35 4.04 26.09
N LEU B 191 6.39 4.20 26.96
CA LEU B 191 5.31 3.24 27.07
C LEU B 191 4.01 3.86 26.56
N TYR B 192 3.00 3.03 26.38
CA TYR B 192 1.71 3.46 25.86
C TYR B 192 0.64 3.32 26.95
N SER B 193 -0.60 3.72 26.63
CA SER B 193 -1.78 3.42 27.45
C SER B 193 -3.05 3.83 26.71
N LEU B 194 -3.88 2.88 26.30
CA LEU B 194 -5.22 3.21 25.80
C LEU B 194 -6.29 3.03 26.87
N SER B 195 -7.56 3.06 26.43
CA SER B 195 -8.74 2.84 27.27
C SER B 195 -9.89 2.42 26.37
N SER B 196 -10.67 1.42 26.81
CA SER B 196 -11.85 0.98 26.04
C SER B 196 -13.13 1.21 26.84
N VAL B 197 -13.82 2.32 26.55
CA VAL B 197 -15.02 2.68 27.28
C VAL B 197 -16.24 2.11 26.55
N VAL B 198 -17.28 1.75 27.32
CA VAL B 198 -18.52 1.21 26.77
C VAL B 198 -19.64 2.13 27.24
N THR B 199 -20.78 2.11 26.55
CA THR B 199 -22.00 2.75 27.04
C THR B 199 -23.09 1.69 27.16
N VAL B 200 -23.57 1.46 28.37
CA VAL B 200 -24.53 0.39 28.62
C VAL B 200 -25.72 0.93 29.40
N PRO B 201 -26.92 0.36 29.25
CA PRO B 201 -28.06 0.80 30.04
C PRO B 201 -27.86 0.53 31.54
N SER B 202 -28.46 1.40 32.34
CA SER B 202 -28.28 1.31 33.78
C SER B 202 -28.95 0.08 34.37
N SER B 203 -30.05 -0.39 33.78
CA SER B 203 -30.75 -1.56 34.30
C SER B 203 -30.03 -2.85 34.00
N SER B 204 -29.13 -2.85 33.02
CA SER B 204 -28.36 -4.04 32.73
C SER B 204 -27.34 -4.34 33.83
N LEU B 205 -26.93 -3.31 34.57
CA LEU B 205 -25.96 -3.50 35.65
C LEU B 205 -26.56 -4.33 36.78
N GLY B 206 -25.72 -5.18 37.38
CA GLY B 206 -26.15 -6.13 38.37
C GLY B 206 -26.87 -7.32 37.81
N THR B 207 -27.07 -7.36 36.51
CA THR B 207 -27.82 -8.35 35.77
C THR B 207 -26.99 -8.94 34.62
N GLN B 208 -26.16 -8.13 33.98
CA GLN B 208 -25.29 -8.57 32.90
C GLN B 208 -23.82 -8.48 33.36
N THR B 209 -22.97 -9.33 32.79
CA THR B 209 -21.56 -9.40 33.15
C THR B 209 -20.70 -8.86 32.00
N TYR B 210 -19.87 -7.87 32.30
CA TYR B 210 -19.08 -7.15 31.29
C TYR B 210 -17.61 -7.48 31.48
N ILE B 211 -16.99 -8.04 30.42
CA ILE B 211 -15.63 -8.60 30.50
C ILE B 211 -14.90 -8.25 29.21
N CYS B 212 -13.96 -7.31 29.28
CA CYS B 212 -13.15 -6.94 28.12
C CYS B 212 -12.10 -8.01 27.83
N ASN B 213 -11.66 -8.06 26.58
CA ASN B 213 -10.60 -9.00 26.16
C ASN B 213 -9.44 -8.20 25.58
N VAL B 214 -8.36 -8.09 26.35
CA VAL B 214 -7.17 -7.38 25.90
C VAL B 214 -6.14 -8.43 25.52
N ASN B 215 -5.52 -8.24 24.35
CA ASN B 215 -4.57 -9.19 23.78
C ASN B 215 -3.41 -8.41 23.19
N HIS B 216 -2.24 -8.52 23.81
CA HIS B 216 -1.04 -7.85 23.34
C HIS B 216 -0.11 -8.90 22.76
N LYS B 217 0.05 -8.88 21.42
CA LYS B 217 0.79 -9.93 20.72
C LYS B 217 2.28 -9.99 21.06
N PRO B 218 3.06 -8.90 21.01
CA PRO B 218 4.53 -9.09 21.09
C PRO B 218 5.05 -9.34 22.49
N SER B 219 4.19 -9.40 23.50
CA SER B 219 4.55 -9.92 24.81
C SER B 219 3.80 -11.20 25.15
N ASN B 220 3.03 -11.74 24.20
CA ASN B 220 2.19 -12.94 24.37
C ASN B 220 1.31 -12.80 25.62
N THR B 221 0.40 -11.84 25.58
CA THR B 221 -0.38 -11.49 26.77
C THR B 221 -1.88 -11.44 26.43
N LYS B 222 -2.64 -12.39 26.96
CA LYS B 222 -4.09 -12.29 26.97
C LYS B 222 -4.54 -12.00 28.39
N VAL B 223 -5.47 -11.05 28.52
CA VAL B 223 -5.95 -10.56 29.81
C VAL B 223 -7.46 -10.35 29.69
N ASP B 224 -8.20 -10.83 30.70
CA ASP B 224 -9.63 -10.62 30.85
C ASP B 224 -9.90 -10.25 32.30
N LYS B 225 -10.84 -9.34 32.53
CA LYS B 225 -11.25 -8.91 33.87
C LYS B 225 -12.76 -8.68 33.87
N LYS B 226 -13.36 -8.70 35.06
CA LYS B 226 -14.80 -8.46 35.20
C LYS B 226 -15.06 -7.06 35.72
N VAL B 227 -16.08 -6.41 35.15
CA VAL B 227 -16.49 -5.06 35.56
C VAL B 227 -17.99 -5.05 35.84
N SER C 2 11.93 18.63 -8.84
CA SER C 2 11.60 17.85 -7.64
C SER C 2 10.59 18.62 -6.80
N ALA C 3 9.98 19.63 -7.42
CA ALA C 3 9.11 20.56 -6.70
C ALA C 3 7.88 20.87 -7.56
N LEU C 4 6.71 20.48 -7.06
CA LEU C 4 5.40 20.76 -7.65
C LEU C 4 4.53 21.36 -6.57
N THR C 5 3.95 22.54 -6.84
CA THR C 5 3.48 23.44 -5.78
C THR C 5 1.96 23.52 -5.67
N GLN C 6 1.43 23.05 -4.55
CA GLN C 6 0.04 23.19 -4.15
C GLN C 6 -0.08 24.25 -3.05
N PRO C 7 -1.27 24.83 -2.85
CA PRO C 7 -1.50 25.60 -1.62
C PRO C 7 -1.65 24.64 -0.45
N ALA C 8 -1.19 25.07 0.72
CA ALA C 8 -1.27 24.19 1.88
C ALA C 8 -2.71 23.94 2.34
N SER C 9 -3.64 24.84 2.01
CA SER C 9 -4.93 24.95 2.68
C SER C 9 -6.00 25.46 1.72
N VAL C 10 -7.15 24.75 1.57
CA VAL C 10 -8.29 25.24 0.78
C VAL C 10 -9.59 25.03 1.57
N SER C 11 -10.54 25.96 1.39
CA SER C 11 -11.70 26.08 2.28
C SER C 11 -12.94 26.27 1.40
N GLY C 12 -13.89 25.33 1.45
CA GLY C 12 -15.06 25.37 0.58
C GLY C 12 -16.37 25.12 1.32
N SER C 13 -17.47 25.75 0.81
CA SER C 13 -18.81 25.66 1.38
C SER C 13 -19.57 24.44 0.87
N PRO C 14 -20.53 23.92 1.66
CA PRO C 14 -21.39 22.84 1.17
C PRO C 14 -22.17 23.27 -0.06
N GLY C 15 -22.19 22.38 -1.04
CA GLY C 15 -22.82 22.63 -2.31
C GLY C 15 -21.89 23.27 -3.33
N GLN C 16 -20.92 24.06 -2.88
CA GLN C 16 -20.10 24.83 -3.81
C GLN C 16 -18.99 23.97 -4.40
N SER C 17 -18.30 24.55 -5.38
CA SER C 17 -17.16 23.92 -6.03
C SER C 17 -15.87 24.54 -5.53
N ILE C 18 -14.79 23.74 -5.54
CA ILE C 18 -13.48 24.19 -5.07
C ILE C 18 -12.43 23.88 -6.11
N THR C 19 -11.40 24.71 -6.14
CA THR C 19 -10.32 24.57 -7.11
C THR C 19 -9.07 24.26 -6.30
N ILE C 20 -8.29 23.28 -6.72
CA ILE C 20 -7.03 22.99 -6.07
C ILE C 20 -5.96 22.90 -7.16
N SER C 21 -5.20 23.97 -7.35
CA SER C 21 -4.19 23.99 -8.38
C SER C 21 -2.98 23.17 -7.95
N CYS C 22 -2.16 22.78 -8.95
CA CYS C 22 -0.89 22.05 -8.76
C CYS C 22 0.13 22.70 -9.69
N THR C 23 0.92 23.63 -9.18
CA THR C 23 1.89 24.35 -9.99
C THR C 23 3.04 23.42 -10.35
N GLY C 24 3.44 23.46 -11.62
CA GLY C 24 4.68 22.85 -12.03
C GLY C 24 5.18 23.53 -13.27
N THR C 25 6.41 24.03 -13.24
CA THR C 25 6.97 24.77 -14.34
C THR C 25 7.43 23.80 -15.43
N SER C 26 8.12 24.31 -16.46
CA SER C 26 8.11 23.64 -17.76
C SER C 26 8.96 22.37 -17.81
N SER C 27 8.70 21.43 -16.90
CA SER C 27 9.46 20.18 -16.83
C SER C 27 8.58 18.96 -17.02
N ASP C 28 7.54 18.82 -16.22
CA ASP C 28 6.61 17.69 -16.15
C ASP C 28 5.15 18.11 -16.18
N VAL C 29 4.79 19.23 -15.53
CA VAL C 29 3.42 19.74 -15.63
C VAL C 29 3.25 20.54 -16.90
N GLY C 30 4.32 21.13 -17.41
CA GLY C 30 4.22 21.77 -18.70
C GLY C 30 3.93 20.84 -19.87
N GLY C 31 4.93 20.09 -20.29
CA GLY C 31 4.84 19.33 -21.52
C GLY C 31 4.47 17.89 -21.35
N TYR C 32 4.20 17.44 -20.13
CA TYR C 32 3.97 16.02 -19.92
C TYR C 32 2.60 15.81 -19.26
N ASN C 33 1.62 15.38 -20.06
CA ASN C 33 0.25 15.27 -19.56
C ASN C 33 0.11 14.09 -18.60
N PHE C 34 0.85 14.12 -17.49
CA PHE C 34 0.89 13.03 -16.55
C PHE C 34 0.77 13.54 -15.13
N VAL C 35 -0.22 14.37 -14.90
CA VAL C 35 -0.53 14.79 -13.54
C VAL C 35 -1.63 13.90 -13.01
N SER C 36 -1.53 13.57 -11.72
CA SER C 36 -2.32 12.55 -11.07
C SER C 36 -2.65 13.05 -9.67
N TRP C 37 -3.83 12.70 -9.16
CA TRP C 37 -4.27 13.22 -7.88
C TRP C 37 -4.72 12.10 -6.98
N TYR C 38 -4.31 12.17 -5.72
CA TYR C 38 -4.57 11.17 -4.70
C TYR C 38 -5.23 11.82 -3.49
N GLN C 39 -6.20 11.11 -2.89
CA GLN C 39 -6.90 11.57 -1.69
C GLN C 39 -6.56 10.69 -0.49
N GLN C 40 -6.49 11.30 0.70
CA GLN C 40 -6.19 10.56 1.91
C GLN C 40 -7.02 11.07 3.09
N HIS C 41 -7.88 10.17 3.63
CA HIS C 41 -8.55 10.36 4.91
C HIS C 41 -7.61 9.98 6.05
N PRO C 42 -7.81 10.55 7.25
CA PRO C 42 -6.96 10.19 8.39
C PRO C 42 -7.13 8.72 8.77
N GLY C 43 -6.00 8.05 8.98
CA GLY C 43 -5.97 6.61 9.19
C GLY C 43 -5.92 5.77 7.91
N LYS C 44 -6.70 6.14 6.91
CA LYS C 44 -6.77 5.38 5.67
C LYS C 44 -5.55 5.64 4.77
N ALA C 45 -5.29 4.67 3.89
CA ALA C 45 -4.29 4.72 2.84
C ALA C 45 -4.77 5.62 1.69
N PRO C 46 -3.88 6.07 0.79
CA PRO C 46 -4.32 6.92 -0.34
C PRO C 46 -5.35 6.25 -1.22
N LYS C 47 -5.99 7.05 -2.06
CA LYS C 47 -6.97 6.53 -3.01
C LYS C 47 -6.87 7.35 -4.27
N LEU C 48 -6.95 6.68 -5.43
CA LEU C 48 -6.67 7.34 -6.70
C LEU C 48 -7.90 8.15 -7.10
N MET C 49 -7.75 9.46 -7.10
CA MET C 49 -8.82 10.36 -7.49
C MET C 49 -8.90 10.51 -9.00
N ILE C 50 -7.85 11.06 -9.57
CA ILE C 50 -7.68 11.32 -11.00
C ILE C 50 -6.31 10.90 -11.47
N TYR C 51 -6.28 10.13 -12.56
CA TYR C 51 -5.06 9.80 -13.29
C TYR C 51 -5.18 10.35 -14.69
N ASP C 52 -4.04 10.44 -15.37
CA ASP C 52 -3.97 10.88 -16.79
C ASP C 52 -4.60 12.25 -17.01
N VAL C 53 -4.17 13.26 -16.26
CA VAL C 53 -4.64 14.68 -16.40
C VAL C 53 -6.14 14.80 -16.15
N SER C 54 -6.96 14.22 -17.01
CA SER C 54 -8.41 14.43 -16.89
C SER C 54 -9.23 13.21 -16.50
N LYS C 55 -8.81 12.00 -16.88
CA LYS C 55 -9.65 10.80 -16.78
C LYS C 55 -9.94 10.47 -15.32
N ARG C 56 -10.95 9.62 -15.09
CA ARG C 56 -11.24 9.17 -13.72
C ARG C 56 -11.34 7.66 -13.64
N PRO C 57 -10.88 7.06 -12.55
CA PRO C 57 -10.99 5.61 -12.39
C PRO C 57 -12.31 5.24 -11.74
N SER C 58 -12.84 4.09 -12.17
CA SER C 58 -14.21 3.67 -11.84
C SER C 58 -14.44 3.58 -10.35
N GLY C 59 -15.59 4.09 -9.93
CA GLY C 59 -15.96 4.20 -8.54
C GLY C 59 -15.83 5.61 -8.01
N VAL C 60 -14.92 6.39 -8.59
CA VAL C 60 -14.72 7.77 -8.13
C VAL C 60 -15.81 8.63 -8.73
N SER C 61 -16.52 9.34 -7.86
CA SER C 61 -17.63 10.22 -8.21
C SER C 61 -17.30 11.13 -9.39
N ASN C 62 -18.29 11.36 -10.26
CA ASN C 62 -18.16 12.31 -11.36
C ASN C 62 -18.09 13.76 -10.88
N ARG C 63 -18.41 13.99 -9.60
CA ARG C 63 -18.20 15.29 -8.96
C ARG C 63 -16.74 15.76 -9.06
N PHE C 64 -15.77 14.84 -9.04
CA PHE C 64 -14.37 15.18 -9.23
C PHE C 64 -14.07 15.40 -10.71
N SER C 65 -13.15 16.31 -11.00
CA SER C 65 -12.77 16.61 -12.39
C SER C 65 -11.45 17.37 -12.40
N GLY C 66 -10.82 17.44 -13.57
CA GLY C 66 -9.60 18.24 -13.68
C GLY C 66 -9.03 18.32 -15.08
N SER C 67 -8.18 19.33 -15.27
CA SER C 67 -7.49 19.61 -16.53
C SER C 67 -6.04 19.98 -16.23
N LYS C 68 -5.25 20.18 -17.29
CA LYS C 68 -3.86 20.65 -17.16
C LYS C 68 -3.41 21.37 -18.43
N SER C 69 -3.14 22.67 -18.30
CA SER C 69 -2.61 23.51 -19.38
C SER C 69 -1.51 24.40 -18.83
N GLY C 70 -0.54 24.73 -19.69
CA GLY C 70 0.52 25.63 -19.31
C GLY C 70 1.43 25.10 -18.22
N ASN C 71 1.42 25.75 -17.06
CA ASN C 71 2.17 25.32 -15.89
C ASN C 71 1.29 25.12 -14.66
N THR C 72 -0.02 24.99 -14.84
CA THR C 72 -0.96 24.81 -13.74
C THR C 72 -1.84 23.58 -14.01
N ALA C 73 -1.89 22.66 -13.05
CA ALA C 73 -2.82 21.53 -13.09
C ALA C 73 -3.92 21.72 -12.07
N SER C 74 -5.16 21.44 -12.47
CA SER C 74 -6.32 21.69 -11.60
C SER C 74 -7.10 20.42 -11.32
N LEU C 75 -7.59 20.33 -10.09
CA LEU C 75 -8.52 19.30 -9.64
C LEU C 75 -9.68 20.04 -8.99
N THR C 76 -10.88 19.84 -9.52
CA THR C 76 -12.04 20.60 -9.08
C THR C 76 -13.08 19.67 -8.53
N ILE C 77 -13.51 19.90 -7.31
CA ILE C 77 -14.56 19.10 -6.67
C ILE C 77 -15.85 19.86 -6.81
N SER C 78 -16.90 19.22 -7.32
CA SER C 78 -18.17 19.88 -7.56
C SER C 78 -19.20 19.36 -6.57
N GLY C 79 -20.09 20.25 -6.14
CA GLY C 79 -21.07 19.93 -5.14
C GLY C 79 -20.39 19.37 -3.91
N LEU C 80 -19.69 20.20 -3.13
CA LEU C 80 -18.87 19.65 -2.06
C LEU C 80 -19.69 18.92 -1.00
N GLN C 81 -18.99 18.09 -0.25
CA GLN C 81 -19.56 17.32 0.83
C GLN C 81 -18.54 17.27 1.94
N ALA C 82 -19.03 17.30 3.18
CA ALA C 82 -18.16 16.96 4.32
C ALA C 82 -17.54 15.58 4.17
N GLU C 83 -18.18 14.69 3.42
CA GLU C 83 -17.59 13.41 3.07
C GLU C 83 -16.24 13.55 2.34
N ASP C 84 -16.04 14.65 1.61
CA ASP C 84 -14.86 14.84 0.76
C ASP C 84 -13.63 15.39 1.51
N GLU C 85 -13.76 15.70 2.79
CA GLU C 85 -12.74 16.43 3.52
C GLU C 85 -11.50 15.57 3.76
N ALA C 86 -10.37 15.96 3.19
CA ALA C 86 -9.21 15.09 3.22
C ALA C 86 -7.92 15.88 3.00
N ASP C 87 -6.85 15.15 2.69
CA ASP C 87 -5.64 15.69 2.10
C ASP C 87 -5.62 15.22 0.65
N CYS C 88 -5.49 16.15 -0.29
CA CYS C 88 -5.51 15.82 -1.71
C CYS C 88 -4.15 16.13 -2.33
N TYR C 89 -3.32 15.10 -2.55
CA TYR C 89 -1.99 15.32 -3.09
C TYR C 89 -2.03 15.26 -4.61
N CYS C 90 -1.19 16.07 -5.26
CA CYS C 90 -1.00 15.90 -6.70
C CYS C 90 0.33 15.19 -6.92
N SER C 91 0.54 14.79 -8.17
CA SER C 91 1.65 13.90 -8.44
C SER C 91 1.94 13.90 -9.93
N SER C 92 3.22 13.86 -10.26
CA SER C 92 3.66 13.77 -11.63
C SER C 92 4.93 12.95 -11.68
N TYR C 93 5.34 12.58 -12.88
CA TYR C 93 6.61 11.89 -13.07
C TYR C 93 7.48 12.81 -13.90
N THR C 94 8.80 12.58 -13.92
CA THR C 94 9.72 13.63 -14.31
C THR C 94 10.72 13.13 -15.35
N SER C 95 11.20 14.08 -16.17
CA SER C 95 12.41 13.93 -16.98
C SER C 95 13.59 13.41 -16.18
N SER C 96 13.64 13.74 -14.88
CA SER C 96 14.59 13.22 -13.91
C SER C 96 14.36 11.73 -13.60
N SER C 97 13.44 11.06 -14.30
CA SER C 97 13.17 9.63 -14.25
C SER C 97 12.54 9.18 -12.94
N THR C 98 12.44 10.08 -11.97
CA THR C 98 11.94 9.79 -10.63
C THR C 98 10.43 10.02 -10.58
N PHE C 99 9.89 10.08 -9.35
CA PHE C 99 8.47 10.29 -9.10
C PHE C 99 8.31 11.30 -7.97
N VAL C 100 7.39 12.26 -8.12
CA VAL C 100 7.38 13.41 -7.23
C VAL C 100 5.95 13.83 -6.85
N PHE C 101 5.70 13.85 -5.54
CA PHE C 101 4.44 14.29 -4.97
C PHE C 101 4.48 15.79 -4.64
N GLY C 102 3.32 16.42 -4.69
CA GLY C 102 3.19 17.80 -4.28
C GLY C 102 3.21 17.94 -2.77
N THR C 103 3.15 19.21 -2.33
CA THR C 103 3.33 19.46 -0.92
C THR C 103 2.12 19.02 -0.11
N GLY C 104 0.95 18.90 -0.74
CA GLY C 104 -0.23 18.44 -0.06
C GLY C 104 -1.20 19.55 0.29
N THR C 105 -2.50 19.29 0.14
CA THR C 105 -3.53 20.30 0.35
C THR C 105 -4.62 19.76 1.26
N LYS C 106 -4.80 20.41 2.40
CA LYS C 106 -5.93 20.11 3.27
C LYS C 106 -7.17 20.80 2.75
N VAL C 107 -8.27 20.05 2.57
CA VAL C 107 -9.59 20.62 2.34
C VAL C 107 -10.33 20.68 3.66
N THR C 108 -10.83 21.86 4.04
CA THR C 108 -11.85 21.93 5.06
C THR C 108 -13.15 22.33 4.36
N VAL C 109 -14.25 21.70 4.78
CA VAL C 109 -15.59 21.95 4.26
C VAL C 109 -16.42 22.61 5.35
N LEU C 110 -16.81 23.88 5.13
CA LEU C 110 -17.41 24.68 6.19
C LEU C 110 -18.85 24.22 6.48
N GLY C 111 -19.44 24.79 7.52
CA GLY C 111 -20.82 24.52 7.87
C GLY C 111 -21.07 23.20 8.57
N GLN C 112 -20.45 22.99 9.72
CA GLN C 112 -20.72 21.81 10.52
C GLN C 112 -21.07 22.25 11.94
N PRO C 113 -22.00 21.56 12.60
CA PRO C 113 -22.44 22.00 13.94
C PRO C 113 -21.30 22.01 14.95
N LYS C 114 -21.19 23.12 15.67
CA LYS C 114 -20.25 23.19 16.77
C LYS C 114 -20.73 22.23 17.87
N ALA C 115 -19.96 21.19 18.15
CA ALA C 115 -20.35 20.22 19.16
C ALA C 115 -19.44 20.28 20.38
N ASN C 116 -20.04 20.23 21.53
CA ASN C 116 -19.38 20.27 22.82
C ASN C 116 -18.85 18.89 23.20
N PRO C 117 -17.77 18.84 23.97
CA PRO C 117 -17.24 17.53 24.38
C PRO C 117 -18.07 16.91 25.49
N THR C 118 -18.33 15.63 25.36
CA THR C 118 -18.85 14.86 26.49
C THR C 118 -17.68 14.18 27.17
N VAL C 119 -17.61 14.34 28.50
CA VAL C 119 -16.46 13.99 29.32
C VAL C 119 -16.87 12.92 30.32
N THR C 120 -16.13 11.82 30.36
CA THR C 120 -16.26 10.82 31.42
C THR C 120 -14.97 10.79 32.22
N LEU C 121 -15.06 10.77 33.55
CA LEU C 121 -13.87 10.70 34.40
C LEU C 121 -13.93 9.50 35.32
N PHE C 122 -12.82 8.76 35.38
CA PHE C 122 -12.74 7.58 36.22
C PHE C 122 -11.78 7.80 37.39
N PRO C 123 -11.96 7.10 38.50
CA PRO C 123 -11.07 7.28 39.64
C PRO C 123 -9.84 6.40 39.49
N PRO C 124 -8.84 6.53 40.38
CA PRO C 124 -7.75 5.55 40.40
C PRO C 124 -8.25 4.15 40.66
N SER C 125 -7.53 3.22 40.07
CA SER C 125 -7.84 1.80 40.14
C SER C 125 -7.20 1.19 41.39
N SER C 126 -8.05 0.72 42.32
CA SER C 126 -7.57 0.25 43.61
C SER C 126 -6.70 -1.00 43.47
N GLU C 127 -6.93 -1.80 42.42
CA GLU C 127 -6.02 -2.90 42.12
C GLU C 127 -4.61 -2.36 41.92
N GLU C 128 -4.47 -1.19 41.27
CA GLU C 128 -3.15 -0.59 41.07
C GLU C 128 -2.59 -0.01 42.35
N LEU C 129 -3.47 0.39 43.28
CA LEU C 129 -2.99 0.86 44.58
C LEU C 129 -2.21 -0.24 45.29
N GLN C 130 -2.73 -1.47 45.25
CA GLN C 130 -1.96 -2.61 45.72
C GLN C 130 -0.76 -2.89 44.82
N ALA C 131 -0.74 -2.37 43.59
CA ALA C 131 0.42 -2.48 42.72
C ALA C 131 1.34 -1.27 42.87
N ASN C 132 0.94 -0.32 43.71
CA ASN C 132 1.73 0.86 44.06
C ASN C 132 1.95 1.77 42.85
N LYS C 133 0.87 2.00 42.10
CA LYS C 133 0.75 3.07 41.11
C LYS C 133 -0.72 3.47 41.06
N ALA C 134 -1.05 4.51 40.29
CA ALA C 134 -2.41 5.02 40.23
C ALA C 134 -2.59 5.87 38.99
N THR C 135 -3.78 5.82 38.39
CA THR C 135 -4.03 6.58 37.17
C THR C 135 -5.44 7.15 37.14
N LEU C 136 -5.55 8.43 36.83
CA LEU C 136 -6.84 9.00 36.48
C LEU C 136 -6.99 8.96 34.97
N VAL C 137 -8.24 8.76 34.53
CA VAL C 137 -8.61 8.52 33.14
C VAL C 137 -9.70 9.51 32.76
N CYS C 138 -9.38 10.44 31.88
CA CYS C 138 -10.36 11.38 31.35
C CYS C 138 -10.56 11.08 29.87
N LEU C 139 -11.81 10.86 29.47
CA LEU C 139 -12.15 10.53 28.09
C LEU C 139 -12.99 11.66 27.51
N ILE C 140 -12.53 12.23 26.40
CA ILE C 140 -13.16 13.38 25.75
C ILE C 140 -13.71 12.94 24.40
N SER C 141 -15.05 12.95 24.24
CA SER C 141 -15.66 12.46 23.00
C SER C 141 -16.68 13.43 22.43
N ASP C 142 -16.84 13.38 21.10
CA ASP C 142 -17.95 13.95 20.34
C ASP C 142 -17.95 15.48 20.32
N PHE C 143 -16.77 16.09 20.14
CA PHE C 143 -16.65 17.54 20.09
C PHE C 143 -16.19 17.99 18.71
N TYR C 144 -16.40 19.29 18.44
CA TYR C 144 -16.01 19.91 17.18
C TYR C 144 -16.04 21.42 17.35
N PRO C 145 -15.04 22.17 16.82
CA PRO C 145 -13.89 21.68 16.05
C PRO C 145 -12.85 21.06 16.97
N GLY C 146 -12.04 20.13 16.45
CA GLY C 146 -11.23 19.29 17.31
C GLY C 146 -10.07 19.98 18.00
N ALA C 147 -10.42 20.82 18.98
CA ALA C 147 -9.42 21.51 19.80
C ALA C 147 -9.87 21.38 21.24
N VAL C 148 -9.00 20.84 22.09
CA VAL C 148 -9.21 20.78 23.52
C VAL C 148 -7.93 21.17 24.25
N THR C 149 -8.05 22.15 25.14
CA THR C 149 -7.04 22.37 26.15
C THR C 149 -7.50 21.59 27.36
N VAL C 150 -6.58 20.86 27.99
CA VAL C 150 -6.91 19.95 29.07
C VAL C 150 -6.07 20.38 30.27
N ALA C 151 -6.73 20.68 31.38
CA ALA C 151 -6.04 21.05 32.61
C ALA C 151 -6.56 20.22 33.77
N TRP C 152 -5.65 19.79 34.63
CA TRP C 152 -5.99 18.94 35.78
C TRP C 152 -5.79 19.74 37.06
N LYS C 153 -6.63 19.48 38.04
CA LYS C 153 -6.61 20.18 39.31
C LYS C 153 -6.62 19.18 40.47
N ALA C 154 -6.28 19.68 41.65
CA ALA C 154 -6.22 18.87 42.87
C ALA C 154 -6.87 19.69 43.99
N ASP C 155 -8.18 19.48 44.16
CA ASP C 155 -9.09 20.26 45.01
C ASP C 155 -8.73 21.74 45.04
N GLY C 156 -8.63 22.32 43.83
CA GLY C 156 -8.50 23.75 43.64
C GLY C 156 -7.24 24.22 42.95
N SER C 157 -6.07 23.65 43.31
CA SER C 157 -4.83 24.16 42.73
C SER C 157 -4.30 23.22 41.65
N PRO C 158 -3.72 23.75 40.57
CA PRO C 158 -3.40 22.90 39.41
C PRO C 158 -2.20 22.01 39.65
N VAL C 159 -2.21 20.87 38.97
CA VAL C 159 -1.13 19.89 39.00
C VAL C 159 -0.57 19.78 37.59
N LYS C 160 0.74 19.90 37.47
CA LYS C 160 1.45 19.95 36.20
C LYS C 160 2.15 18.63 35.85
N ALA C 161 2.74 17.96 36.84
CA ALA C 161 3.52 16.74 36.59
C ALA C 161 2.63 15.51 36.54
N GLY C 162 2.92 14.64 35.57
CA GLY C 162 2.20 13.39 35.40
C GLY C 162 0.95 13.48 34.55
N VAL C 163 0.63 14.66 34.02
CA VAL C 163 -0.51 14.83 33.12
C VAL C 163 -0.06 14.50 31.71
N GLU C 164 -0.72 13.51 31.09
CA GLU C 164 -0.30 13.07 29.75
C GLU C 164 -1.51 12.82 28.87
N THR C 165 -1.57 13.55 27.76
CA THR C 165 -2.79 13.81 26.99
C THR C 165 -2.51 13.59 25.51
N THR C 166 -3.51 13.09 24.80
CA THR C 166 -3.35 12.87 23.38
C THR C 166 -3.55 14.18 22.61
N LYS C 167 -3.20 14.15 21.34
CA LYS C 167 -3.64 15.25 20.48
C LYS C 167 -4.97 14.84 19.84
N PRO C 168 -5.94 15.76 19.66
CA PRO C 168 -7.27 15.36 19.17
C PRO C 168 -7.23 14.64 17.83
N SER C 169 -8.12 13.65 17.70
CA SER C 169 -8.09 12.68 16.61
C SER C 169 -9.51 12.31 16.19
N LYS C 170 -9.74 12.22 14.87
CA LYS C 170 -11.07 11.94 14.35
C LYS C 170 -11.46 10.49 14.61
N GLN C 171 -12.64 10.31 15.20
CA GLN C 171 -13.31 9.03 15.32
C GLN C 171 -14.03 8.79 13.99
N SER C 172 -14.95 7.84 13.93
CA SER C 172 -15.55 7.45 12.65
C SER C 172 -16.87 8.17 12.34
N ASN C 173 -17.23 9.23 13.07
CA ASN C 173 -18.51 9.88 12.81
C ASN C 173 -18.37 11.38 12.58
N ASN C 174 -17.18 11.81 12.13
CA ASN C 174 -16.78 13.20 11.83
C ASN C 174 -16.56 14.11 13.05
N LYS C 175 -16.96 13.70 14.24
CA LYS C 175 -16.61 14.51 15.38
C LYS C 175 -15.27 14.02 15.91
N TYR C 176 -14.70 14.73 16.87
CA TYR C 176 -13.36 14.42 17.32
C TYR C 176 -13.41 13.68 18.65
N ALA C 177 -12.23 13.29 19.15
CA ALA C 177 -12.11 12.47 20.34
C ALA C 177 -10.68 12.54 20.84
N ALA C 178 -10.49 12.31 22.14
CA ALA C 178 -9.16 12.32 22.74
C ALA C 178 -9.27 11.82 24.17
N SER C 179 -8.12 11.52 24.76
CA SER C 179 -8.00 11.03 26.12
C SER C 179 -7.01 11.88 26.89
N SER C 180 -7.14 11.87 28.22
CA SER C 180 -6.10 12.40 29.10
C SER C 180 -5.94 11.48 30.30
N TYR C 181 -4.70 11.37 30.78
CA TYR C 181 -4.41 10.54 31.94
C TYR C 181 -3.58 11.31 32.96
N LEU C 182 -3.65 10.87 34.20
CA LEU C 182 -2.94 11.55 35.29
C LEU C 182 -2.16 10.50 36.06
N SER C 183 -0.85 10.46 35.84
CA SER C 183 0.03 9.67 36.69
C SER C 183 -0.05 10.21 38.11
N LEU C 184 -0.28 9.31 39.06
CA LEU C 184 -0.48 9.78 40.43
C LEU C 184 0.02 8.73 41.41
N THR C 185 0.48 9.20 42.53
CA THR C 185 0.95 8.33 43.60
C THR C 185 -0.13 8.13 44.65
N PRO C 186 -0.35 6.88 45.10
CA PRO C 186 -1.45 6.58 46.03
C PRO C 186 -1.51 7.47 47.26
N GLU C 187 -0.36 7.93 47.75
CA GLU C 187 -0.32 8.84 48.89
C GLU C 187 -0.91 10.20 48.54
N GLN C 188 -0.64 10.70 47.33
CA GLN C 188 -1.18 11.98 46.91
C GLN C 188 -2.66 11.91 46.57
N TRP C 189 -3.10 10.77 46.05
CA TRP C 189 -4.51 10.60 45.74
C TRP C 189 -5.36 10.55 47.01
N LYS C 190 -4.92 9.78 48.01
CA LYS C 190 -5.72 9.60 49.22
C LYS C 190 -5.71 10.83 50.11
N SER C 191 -4.59 11.56 50.11
CA SER C 191 -4.48 12.73 50.96
C SER C 191 -5.45 13.83 50.55
N HIS C 192 -5.70 13.98 49.25
CA HIS C 192 -6.53 15.07 48.75
C HIS C 192 -8.02 14.79 48.95
N ARG C 193 -8.83 15.76 48.54
CA ARG C 193 -10.28 15.69 48.65
C ARG C 193 -10.90 15.19 47.36
N SER C 194 -10.49 15.79 46.23
CA SER C 194 -11.04 15.55 44.91
C SER C 194 -10.13 16.12 43.84
N TYR C 195 -9.71 15.31 42.87
CA TYR C 195 -9.03 15.86 41.70
C TYR C 195 -10.05 16.09 40.59
N SER C 196 -9.68 16.93 39.63
CA SER C 196 -10.59 17.36 38.59
C SER C 196 -9.97 17.25 37.21
N CYS C 197 -10.77 16.80 36.25
CA CYS C 197 -10.47 16.93 34.84
C CYS C 197 -11.31 18.09 34.32
N GLN C 198 -10.67 19.04 33.64
CA GLN C 198 -11.35 20.20 33.10
C GLN C 198 -10.92 20.42 31.66
N VAL C 199 -11.87 20.37 30.71
CA VAL C 199 -11.56 20.49 29.29
C VAL C 199 -12.10 21.82 28.74
N THR C 200 -11.29 22.47 27.92
CA THR C 200 -11.62 23.76 27.34
C THR C 200 -11.70 23.65 25.82
N HIS C 201 -12.83 24.07 25.26
CA HIS C 201 -13.08 23.94 23.82
C HIS C 201 -14.00 25.07 23.40
N GLU C 202 -13.45 26.02 22.63
CA GLU C 202 -14.19 27.20 22.18
C GLU C 202 -14.67 28.06 23.36
N GLY C 203 -13.99 27.97 24.52
CA GLY C 203 -14.41 28.61 25.76
C GLY C 203 -15.52 27.88 26.51
N SER C 204 -15.26 26.65 26.98
CA SER C 204 -16.24 25.81 27.64
C SER C 204 -15.77 25.44 29.05
N THR C 205 -16.71 24.94 29.86
CA THR C 205 -16.45 24.74 31.28
C THR C 205 -16.97 23.40 31.79
N VAL C 206 -16.89 22.34 30.97
CA VAL C 206 -17.25 21.02 31.49
C VAL C 206 -16.07 20.48 32.28
N GLU C 207 -16.31 20.06 33.52
CA GLU C 207 -15.22 19.72 34.44
C GLU C 207 -15.60 18.50 35.29
N LYS C 208 -15.39 17.30 34.78
CA LYS C 208 -15.74 16.13 35.58
C LYS C 208 -14.76 15.97 36.73
N THR C 209 -15.28 15.57 37.90
CA THR C 209 -14.52 15.52 39.14
C THR C 209 -14.86 14.24 39.89
N VAL C 210 -13.82 13.52 40.36
CA VAL C 210 -13.97 12.27 41.10
C VAL C 210 -13.16 12.37 42.38
N ALA C 211 -13.63 11.70 43.43
CA ALA C 211 -13.07 11.84 44.76
C ALA C 211 -12.84 10.47 45.38
N PRO C 212 -11.88 10.35 46.34
CA PRO C 212 -11.77 9.09 47.10
C PRO C 212 -12.92 8.87 48.08
#